data_6STW
#
_entry.id   6STW
#
_cell.length_a   59.580
_cell.length_b   89.180
_cell.length_c   106.200
_cell.angle_alpha   90.000
_cell.angle_beta   90.000
_cell.angle_gamma   90.000
#
_symmetry.space_group_name_H-M   'P 21 21 21'
#
loop_
_entity.id
_entity.type
_entity.pdbx_description
1 polymer 'Fiber protein'
2 water water
#
_entity_poly.entity_id   1
_entity_poly.type   'polypeptide(L)'
_entity_poly.pdbx_seq_one_letter_code
;DKLTLWTTPDPSPNCKIIEDKDSKLTLILTKCGSQILGSVSLLVVKGKFSNINNTTNPNEADKQITVKLLFDANGVLKQG
STMDSSYWNYRSDNSNLSQPYKKAVGFMPSKTAYPKQTKPTNKEISQAKNKIVSNVYLGGKIDQPCVIIISFNEEADSDY
SIVFYFKWYKTYENVQFDSSSFNFSYIAQE
;
_entity_poly.pdbx_strand_id   A,B,C
#
# COMPACT_ATOMS: atom_id res chain seq x y z
N ASP A 1 -13.41 -19.56 -11.41
CA ASP A 1 -12.62 -19.07 -10.23
C ASP A 1 -12.99 -17.61 -9.94
N LYS A 2 -12.66 -16.67 -10.85
CA LYS A 2 -13.25 -15.30 -10.87
C LYS A 2 -12.67 -14.51 -9.70
N LEU A 3 -11.39 -14.70 -9.39
CA LEU A 3 -10.74 -13.95 -8.28
C LEU A 3 -9.90 -12.83 -8.85
N THR A 4 -9.68 -12.74 -10.15
CA THR A 4 -8.91 -11.64 -10.79
C THR A 4 -9.71 -11.02 -11.93
N LEU A 5 -9.91 -9.70 -11.87
CA LEU A 5 -10.55 -8.91 -12.94
C LEU A 5 -9.49 -7.95 -13.40
N TRP A 6 -9.16 -7.92 -14.68
CA TRP A 6 -7.93 -7.21 -15.10
C TRP A 6 -7.94 -6.85 -16.58
N THR A 7 -6.93 -6.09 -16.92
CA THR A 7 -6.57 -5.69 -18.29
C THR A 7 -5.60 -6.69 -18.91
N THR A 8 -5.27 -7.78 -18.23
CA THR A 8 -4.04 -8.58 -18.43
C THR A 8 -2.83 -7.72 -18.04
N PRO A 9 -1.62 -8.32 -17.92
CA PRO A 9 -0.46 -7.51 -17.52
C PRO A 9 0.10 -6.54 -18.57
N ASP A 10 -0.25 -6.76 -19.84
CA ASP A 10 0.40 -6.01 -20.96
C ASP A 10 -0.63 -5.73 -22.03
N PRO A 11 -1.69 -4.97 -21.70
CA PRO A 11 -2.70 -4.66 -22.72
C PRO A 11 -2.08 -3.84 -23.85
N SER A 12 -2.66 -3.96 -25.04
N SER A 12 -2.64 -3.95 -25.04
CA SER A 12 -2.45 -3.00 -26.14
CA SER A 12 -2.35 -2.98 -26.11
C SER A 12 -3.14 -1.72 -25.75
C SER A 12 -3.14 -1.72 -25.76
N PRO A 13 -2.92 -0.59 -26.46
CA PRO A 13 -3.56 0.66 -26.06
C PRO A 13 -5.08 0.46 -25.94
N ASN A 14 -5.60 0.89 -24.79
CA ASN A 14 -6.97 0.55 -24.34
C ASN A 14 -7.65 1.72 -23.64
N CYS A 15 -7.13 2.93 -23.79
N CYS A 15 -7.13 2.93 -23.79
CA CYS A 15 -7.55 4.09 -22.99
CA CYS A 15 -7.57 4.11 -23.03
C CYS A 15 -7.51 5.36 -23.87
C CYS A 15 -7.53 5.36 -23.89
N LYS A 16 -8.47 6.26 -23.68
CA LYS A 16 -8.61 7.52 -24.44
C LYS A 16 -8.41 8.66 -23.46
N ILE A 17 -7.22 9.25 -23.39
CA ILE A 17 -7.04 10.51 -22.62
C ILE A 17 -7.59 11.65 -23.49
N ILE A 18 -7.04 11.78 -24.70
CA ILE A 18 -7.45 12.81 -25.69
C ILE A 18 -8.07 12.10 -26.90
N GLU A 19 -7.39 11.10 -27.42
CA GLU A 19 -7.82 10.37 -28.64
C GLU A 19 -7.90 8.88 -28.33
N ASP A 20 -8.70 8.16 -29.11
CA ASP A 20 -8.91 6.71 -28.92
C ASP A 20 -7.55 6.01 -28.87
N LYS A 21 -7.39 5.11 -27.88
CA LYS A 21 -6.20 4.22 -27.77
C LYS A 21 -4.91 5.05 -27.80
N ASP A 22 -4.91 6.21 -27.15
CA ASP A 22 -3.67 6.99 -27.00
C ASP A 22 -2.88 6.54 -25.78
N SER A 23 -3.36 5.61 -24.98
CA SER A 23 -2.71 5.24 -23.70
C SER A 23 -3.03 3.78 -23.36
N LYS A 24 -2.19 3.23 -22.50
CA LYS A 24 -2.28 1.84 -22.00
C LYS A 24 -2.51 1.93 -20.50
N LEU A 25 -3.69 1.52 -20.02
CA LEU A 25 -3.96 1.41 -18.59
C LEU A 25 -3.79 -0.05 -18.19
N THR A 26 -2.87 -0.34 -17.31
CA THR A 26 -2.69 -1.67 -16.73
C THR A 26 -3.38 -1.65 -15.38
N LEU A 27 -4.41 -2.47 -15.18
CA LEU A 27 -5.17 -2.48 -13.93
C LEU A 27 -5.49 -3.92 -13.55
N ILE A 28 -5.07 -4.33 -12.38
CA ILE A 28 -5.34 -5.68 -11.85
C ILE A 28 -6.14 -5.51 -10.57
N LEU A 29 -7.27 -6.18 -10.47
CA LEU A 29 -8.09 -6.24 -9.25
C LEU A 29 -8.15 -7.70 -8.81
N THR A 30 -7.73 -7.97 -7.59
CA THR A 30 -7.79 -9.33 -7.03
C THR A 30 -8.72 -9.34 -5.83
N LYS A 31 -9.64 -10.28 -5.78
CA LYS A 31 -10.59 -10.34 -4.66
C LYS A 31 -9.97 -11.19 -3.57
N CYS A 32 -9.80 -10.62 -2.37
CA CYS A 32 -9.36 -11.32 -1.15
C CYS A 32 -10.48 -11.12 -0.12
N GLY A 33 -11.54 -11.90 -0.34
CA GLY A 33 -12.81 -11.84 0.39
C GLY A 33 -13.39 -10.46 0.39
N SER A 34 -13.38 -9.79 1.54
CA SER A 34 -14.05 -8.48 1.75
C SER A 34 -13.24 -7.32 1.18
N GLN A 35 -12.00 -7.52 0.76
CA GLN A 35 -11.19 -6.42 0.17
C GLN A 35 -10.79 -6.78 -1.25
N ILE A 36 -10.73 -5.77 -2.09
CA ILE A 36 -10.11 -5.87 -3.42
C ILE A 36 -8.73 -5.29 -3.35
N LEU A 37 -7.75 -6.01 -3.84
CA LEU A 37 -6.34 -5.57 -3.91
C LEU A 37 -6.10 -5.12 -5.33
N GLY A 38 -5.66 -3.90 -5.53
CA GLY A 38 -5.49 -3.36 -6.88
C GLY A 38 -4.08 -2.93 -7.14
N SER A 39 -3.70 -2.93 -8.40
N SER A 39 -3.74 -2.91 -8.41
CA SER A 39 -2.46 -2.24 -8.83
CA SER A 39 -2.48 -2.30 -8.88
C SER A 39 -2.72 -1.59 -10.18
C SER A 39 -2.77 -1.57 -10.17
N VAL A 40 -2.32 -0.34 -10.34
N VAL A 40 -2.16 -0.42 -10.37
CA VAL A 40 -2.59 0.50 -11.55
CA VAL A 40 -2.53 0.43 -11.53
C VAL A 40 -1.29 1.15 -12.02
C VAL A 40 -1.28 1.16 -12.02
N SER A 41 -1.15 1.23 -13.35
CA SER A 41 -0.11 2.04 -13.99
C SER A 41 -0.66 2.53 -15.31
N LEU A 42 -0.21 3.67 -15.77
CA LEU A 42 -0.72 4.32 -16.99
C LEU A 42 0.47 4.82 -17.81
N LEU A 43 0.47 4.43 -19.06
CA LEU A 43 1.48 4.86 -20.06
C LEU A 43 0.74 5.57 -21.17
N VAL A 44 1.09 6.81 -21.49
CA VAL A 44 0.51 7.54 -22.63
C VAL A 44 1.43 7.40 -23.80
N VAL A 45 0.93 6.80 -24.88
CA VAL A 45 1.80 6.41 -26.04
C VAL A 45 1.67 7.41 -27.19
N LYS A 46 0.61 8.19 -27.27
CA LYS A 46 0.38 9.21 -28.33
C LYS A 46 -0.15 10.50 -27.74
N GLY A 47 0.06 11.62 -28.44
CA GLY A 47 -0.56 12.89 -28.02
C GLY A 47 0.34 13.69 -27.08
N LYS A 48 -0.13 14.85 -26.65
CA LYS A 48 0.66 15.78 -25.82
C LYS A 48 1.21 15.03 -24.60
N PHE A 49 0.41 14.15 -23.96
CA PHE A 49 0.84 13.56 -22.69
C PHE A 49 1.87 12.45 -22.91
N SER A 50 2.12 12.04 -24.17
CA SER A 50 3.18 11.05 -24.44
C SER A 50 4.54 11.74 -24.41
N ASN A 51 4.57 13.07 -24.38
CA ASN A 51 5.83 13.85 -24.27
C ASN A 51 5.49 15.18 -23.60
N ILE A 52 5.22 15.13 -22.32
CA ILE A 52 4.74 16.31 -21.55
C ILE A 52 5.79 17.40 -21.71
N ASN A 53 5.35 18.59 -22.08
CA ASN A 53 6.23 19.77 -22.05
C ASN A 53 5.41 20.94 -21.54
N ASN A 54 5.56 21.25 -20.26
CA ASN A 54 4.75 22.29 -19.58
C ASN A 54 5.34 23.67 -19.76
N THR A 55 6.45 23.80 -20.49
N THR A 55 6.44 23.80 -20.49
CA THR A 55 6.89 25.11 -21.00
CA THR A 55 6.88 25.11 -21.01
C THR A 55 6.03 25.40 -22.24
C THR A 55 6.03 25.41 -22.24
N THR A 56 5.92 24.45 -23.16
CA THR A 56 5.06 24.57 -24.36
C THR A 56 3.57 24.64 -23.99
N ASN A 57 3.15 23.79 -23.06
CA ASN A 57 1.74 23.60 -22.65
C ASN A 57 1.64 23.86 -21.15
N PRO A 58 1.57 25.14 -20.73
CA PRO A 58 1.68 25.50 -19.32
C PRO A 58 0.37 25.58 -18.52
N ASN A 59 -0.76 25.24 -19.12
CA ASN A 59 -2.08 25.43 -18.45
C ASN A 59 -2.37 24.27 -17.50
N GLU A 60 -3.25 24.50 -16.52
CA GLU A 60 -3.67 23.46 -15.57
C GLU A 60 -4.15 22.21 -16.31
N ALA A 61 -4.87 22.36 -17.44
CA ALA A 61 -5.40 21.21 -18.22
C ALA A 61 -4.26 20.34 -18.76
N ASP A 62 -3.07 20.91 -18.86
CA ASP A 62 -1.88 20.24 -19.42
C ASP A 62 -1.08 19.55 -18.31
N LYS A 63 -1.57 19.57 -17.06
CA LYS A 63 -0.80 19.04 -15.91
C LYS A 63 -1.66 18.04 -15.14
N GLN A 64 -2.63 17.41 -15.80
CA GLN A 64 -3.44 16.37 -15.13
C GLN A 64 -4.05 15.44 -16.16
N ILE A 65 -4.34 14.26 -15.68
CA ILE A 65 -4.99 13.18 -16.45
C ILE A 65 -6.01 12.53 -15.53
N THR A 66 -7.22 12.33 -16.02
CA THR A 66 -8.29 11.62 -15.29
C THR A 66 -8.70 10.38 -16.07
N VAL A 67 -8.63 9.23 -15.44
CA VAL A 67 -9.10 7.96 -16.01
C VAL A 67 -10.31 7.50 -15.19
N LYS A 68 -11.47 7.46 -15.82
N LYS A 68 -11.47 7.45 -15.82
CA LYS A 68 -12.73 7.08 -15.14
CA LYS A 68 -12.71 7.06 -15.14
C LYS A 68 -13.17 5.69 -15.58
C LYS A 68 -13.17 5.68 -15.59
N LEU A 69 -13.36 4.80 -14.61
CA LEU A 69 -14.04 3.50 -14.83
C LEU A 69 -15.42 3.57 -14.22
N LEU A 70 -16.42 3.46 -15.06
CA LEU A 70 -17.85 3.57 -14.67
C LEU A 70 -18.46 2.17 -14.80
N PHE A 71 -19.20 1.73 -13.79
CA PHE A 71 -19.81 0.38 -13.81
C PHE A 71 -21.30 0.46 -13.58
N ASP A 72 -22.02 -0.48 -14.16
CA ASP A 72 -23.48 -0.59 -14.00
C ASP A 72 -23.79 -1.45 -12.77
N ALA A 73 -25.07 -1.76 -12.56
CA ALA A 73 -25.53 -2.46 -11.37
C ALA A 73 -24.95 -3.88 -11.31
N ASN A 74 -24.52 -4.44 -12.44
CA ASN A 74 -23.92 -5.79 -12.49
C ASN A 74 -22.40 -5.73 -12.41
N GLY A 75 -21.81 -4.54 -12.22
CA GLY A 75 -20.36 -4.40 -12.18
C GLY A 75 -19.71 -4.48 -13.56
N VAL A 76 -20.48 -4.28 -14.62
CA VAL A 76 -19.98 -4.32 -16.01
C VAL A 76 -19.48 -2.91 -16.35
N LEU A 77 -18.36 -2.80 -17.06
CA LEU A 77 -17.78 -1.51 -17.46
C LEU A 77 -18.71 -0.86 -18.48
N LYS A 78 -19.08 0.40 -18.21
CA LYS A 78 -19.98 1.18 -19.07
C LYS A 78 -19.19 1.87 -20.17
N GLN A 79 -19.81 1.89 -21.34
CA GLN A 79 -19.39 2.75 -22.46
C GLN A 79 -19.30 4.16 -21.90
N GLY A 80 -18.32 4.93 -22.30
CA GLY A 80 -18.14 6.28 -21.72
C GLY A 80 -17.08 6.27 -20.66
N SER A 81 -16.72 5.12 -20.10
CA SER A 81 -15.45 4.97 -19.33
C SER A 81 -14.25 5.39 -20.19
N THR A 82 -13.20 5.88 -19.54
CA THR A 82 -11.96 6.31 -20.21
C THR A 82 -11.29 5.10 -20.83
N MET A 83 -11.32 3.99 -20.12
CA MET A 83 -10.77 2.72 -20.58
C MET A 83 -11.84 2.02 -21.41
N ASP A 84 -11.44 1.51 -22.58
CA ASP A 84 -12.32 0.81 -23.50
C ASP A 84 -12.43 -0.65 -23.05
N SER A 85 -13.27 -1.39 -23.74
CA SER A 85 -13.61 -2.78 -23.39
C SER A 85 -12.62 -3.80 -23.98
N SER A 86 -11.56 -3.36 -24.66
CA SER A 86 -10.68 -4.31 -25.39
C SER A 86 -10.01 -5.29 -24.41
N TYR A 87 -9.59 -4.82 -23.24
CA TYR A 87 -8.88 -5.65 -22.23
C TYR A 87 -9.55 -5.44 -20.88
N TRP A 88 -10.69 -6.09 -20.65
CA TRP A 88 -11.31 -6.01 -19.31
C TRP A 88 -12.19 -7.21 -19.03
N ASN A 89 -11.66 -8.15 -18.29
CA ASN A 89 -12.35 -9.43 -18.08
C ASN A 89 -11.69 -10.18 -16.94
N TYR A 90 -12.34 -11.25 -16.49
CA TYR A 90 -11.75 -12.19 -15.54
C TYR A 90 -10.53 -12.85 -16.18
N ARG A 91 -9.52 -13.16 -15.38
CA ARG A 91 -8.39 -14.04 -15.76
C ARG A 91 -9.00 -15.42 -16.00
N SER A 92 -8.64 -16.05 -17.12
CA SER A 92 -9.10 -17.43 -17.47
C SER A 92 -8.05 -18.43 -16.99
N ASP A 93 -8.49 -19.51 -16.33
CA ASP A 93 -7.63 -20.61 -15.82
C ASP A 93 -7.66 -21.79 -16.80
N ASN A 94 -8.74 -21.91 -17.60
CA ASN A 94 -8.81 -22.86 -18.74
C ASN A 94 -9.23 -22.10 -20.03
N SER A 95 -8.95 -22.72 -21.19
CA SER A 95 -9.13 -22.12 -22.54
C SER A 95 -10.42 -22.66 -23.19
N ASN A 96 -11.55 -22.55 -22.49
CA ASN A 96 -12.91 -22.82 -23.06
C ASN A 96 -13.59 -21.48 -23.38
N LEU A 97 -14.63 -21.51 -24.22
CA LEU A 97 -15.11 -20.34 -25.02
C LEU A 97 -14.99 -19.05 -24.21
N SER A 98 -14.38 -18.02 -24.80
CA SER A 98 -14.10 -16.69 -24.20
C SER A 98 -15.30 -15.75 -24.41
N GLN A 99 -15.88 -15.20 -23.33
CA GLN A 99 -17.09 -14.33 -23.38
C GLN A 99 -16.88 -13.16 -22.42
N PRO A 100 -17.37 -11.94 -22.72
CA PRO A 100 -17.38 -10.85 -21.75
C PRO A 100 -18.12 -11.27 -20.49
N TYR A 101 -17.63 -10.81 -19.33
CA TYR A 101 -18.29 -11.18 -18.05
C TYR A 101 -19.64 -10.45 -17.94
N LYS A 102 -20.56 -11.07 -17.21
CA LYS A 102 -21.91 -10.53 -17.01
C LYS A 102 -22.06 -9.97 -15.60
N LYS A 103 -21.30 -10.49 -14.63
CA LYS A 103 -21.45 -10.11 -13.21
C LYS A 103 -20.09 -9.96 -12.54
N ALA A 104 -19.87 -8.84 -11.87
CA ALA A 104 -18.66 -8.61 -11.06
C ALA A 104 -19.01 -7.67 -9.91
N VAL A 105 -20.18 -7.81 -9.30
CA VAL A 105 -20.56 -6.93 -8.16
C VAL A 105 -19.57 -7.13 -7.00
N GLY A 106 -18.98 -8.31 -6.86
CA GLY A 106 -17.99 -8.61 -5.80
C GLY A 106 -16.70 -7.84 -5.97
N PHE A 107 -16.48 -7.25 -7.14
CA PHE A 107 -15.27 -6.42 -7.40
C PHE A 107 -15.58 -4.95 -7.24
N MET A 108 -16.84 -4.57 -7.02
CA MET A 108 -17.22 -3.16 -7.02
C MET A 108 -16.88 -2.54 -5.66
N PRO A 109 -16.55 -1.24 -5.62
CA PRO A 109 -16.33 -0.58 -4.34
C PRO A 109 -17.66 -0.51 -3.58
N SER A 110 -17.61 -0.84 -2.29
CA SER A 110 -18.81 -0.87 -1.42
C SER A 110 -19.60 0.44 -1.51
N LYS A 111 -20.91 0.36 -1.71
CA LYS A 111 -21.76 1.56 -1.69
C LYS A 111 -21.95 2.06 -0.26
N THR A 112 -21.75 1.21 0.75
CA THR A 112 -21.94 1.68 2.14
C THR A 112 -20.62 2.24 2.65
N ALA A 113 -19.47 1.68 2.29
CA ALA A 113 -18.18 2.30 2.66
C ALA A 113 -18.04 3.63 1.92
N TYR A 114 -18.48 3.65 0.67
CA TYR A 114 -18.18 4.78 -0.27
C TYR A 114 -19.50 5.20 -0.88
N PRO A 115 -20.40 5.83 -0.10
CA PRO A 115 -21.67 6.28 -0.63
C PRO A 115 -21.46 7.45 -1.59
N LYS A 116 -22.42 7.66 -2.47
CA LYS A 116 -22.52 8.91 -3.26
C LYS A 116 -22.70 10.09 -2.31
N GLN A 117 -22.07 11.22 -2.61
CA GLN A 117 -22.14 12.45 -1.79
C GLN A 117 -23.26 13.35 -2.31
N THR A 118 -23.99 13.99 -1.40
CA THR A 118 -24.81 15.21 -1.64
C THR A 118 -23.97 16.42 -1.20
N LYS A 119 -24.23 17.59 -1.81
CA LYS A 119 -23.28 18.74 -1.80
C LYS A 119 -23.48 19.64 -0.58
N PRO A 120 -24.61 19.63 0.16
CA PRO A 120 -24.60 20.11 1.53
C PRO A 120 -23.68 19.19 2.35
N THR A 121 -22.46 19.65 2.66
CA THR A 121 -21.46 18.91 3.48
C THR A 121 -22.06 18.80 4.89
N ASN A 122 -21.85 17.67 5.56
CA ASN A 122 -22.26 17.41 6.96
C ASN A 122 -21.05 16.77 7.66
N LYS A 123 -20.66 17.29 8.82
CA LYS A 123 -19.48 16.80 9.59
C LYS A 123 -19.64 15.31 9.95
N GLU A 124 -20.86 14.76 9.90
CA GLU A 124 -21.08 13.33 10.22
C GLU A 124 -20.69 12.43 9.06
N ILE A 125 -20.45 12.97 7.86
CA ILE A 125 -20.22 12.14 6.64
C ILE A 125 -18.84 12.46 6.10
N SER A 126 -17.99 11.45 5.99
CA SER A 126 -16.63 11.64 5.51
C SER A 126 -16.63 12.12 4.06
N GLN A 127 -15.71 13.03 3.74
N GLN A 127 -15.71 13.03 3.74
CA GLN A 127 -15.38 13.47 2.37
CA GLN A 127 -15.39 13.44 2.36
C GLN A 127 -14.05 12.89 1.92
C GLN A 127 -14.16 12.67 1.86
N ALA A 128 -13.35 12.12 2.75
CA ALA A 128 -12.02 11.60 2.46
C ALA A 128 -11.94 10.09 2.36
N LYS A 129 -12.88 9.39 2.99
N LYS A 129 -12.87 9.38 2.98
CA LYS A 129 -12.75 7.91 3.14
CA LYS A 129 -12.66 7.92 3.12
C LYS A 129 -12.77 7.21 1.78
C LYS A 129 -12.77 7.21 1.78
N ASN A 130 -13.41 7.81 0.79
CA ASN A 130 -13.50 7.20 -0.55
C ASN A 130 -12.33 7.58 -1.42
N LYS A 131 -11.27 8.13 -0.85
CA LYS A 131 -10.08 8.58 -1.58
C LYS A 131 -8.84 7.92 -1.02
N ILE A 132 -7.96 7.57 -1.93
CA ILE A 132 -6.57 7.17 -1.61
C ILE A 132 -5.69 8.22 -2.28
N VAL A 133 -4.81 8.86 -1.53
CA VAL A 133 -3.99 10.00 -2.04
C VAL A 133 -2.54 9.64 -1.80
N SER A 134 -1.71 9.76 -2.84
N SER A 134 -1.71 9.74 -2.84
CA SER A 134 -0.27 9.46 -2.70
CA SER A 134 -0.27 9.44 -2.71
C SER A 134 0.46 10.05 -3.88
C SER A 134 0.46 10.05 -3.89
N ASN A 135 1.71 9.64 -4.08
CA ASN A 135 2.48 10.05 -5.25
C ASN A 135 2.89 8.78 -6.01
N VAL A 136 2.91 8.92 -7.31
CA VAL A 136 3.62 8.00 -8.22
C VAL A 136 4.72 8.79 -8.89
N TYR A 137 5.56 8.12 -9.67
CA TYR A 137 6.80 8.75 -10.17
C TYR A 137 6.92 8.46 -11.65
N LEU A 138 6.91 9.52 -12.45
CA LEU A 138 6.91 9.35 -13.91
C LEU A 138 8.26 8.79 -14.35
N GLY A 139 8.23 7.74 -15.16
CA GLY A 139 9.44 7.02 -15.55
C GLY A 139 10.10 6.30 -14.41
N GLY A 140 9.44 6.24 -13.26
CA GLY A 140 10.05 5.64 -12.05
C GLY A 140 11.16 6.48 -11.48
N LYS A 141 11.19 7.76 -11.84
CA LYS A 141 12.27 8.69 -11.40
C LYS A 141 11.82 9.47 -10.18
N ILE A 142 12.66 9.45 -9.16
CA ILE A 142 12.29 10.05 -7.87
C ILE A 142 12.03 11.56 -8.04
N ASP A 143 12.73 12.20 -8.95
CA ASP A 143 12.51 13.66 -9.11
C ASP A 143 11.39 13.97 -10.10
N GLN A 144 10.55 12.99 -10.43
CA GLN A 144 9.36 13.26 -11.29
C GLN A 144 8.09 12.81 -10.58
N PRO A 145 7.77 13.34 -9.40
CA PRO A 145 6.54 12.97 -8.73
C PRO A 145 5.29 13.46 -9.47
N CYS A 146 4.24 12.71 -9.25
CA CYS A 146 2.88 12.99 -9.75
C CYS A 146 1.90 12.53 -8.69
N VAL A 147 1.03 13.41 -8.24
CA VAL A 147 0.01 12.97 -7.27
C VAL A 147 -0.94 12.02 -7.94
N ILE A 148 -1.33 10.98 -7.20
CA ILE A 148 -2.45 10.11 -7.59
C ILE A 148 -3.54 10.25 -6.54
N ILE A 149 -4.76 10.43 -6.99
CA ILE A 149 -5.95 10.32 -6.14
C ILE A 149 -6.85 9.27 -6.75
N ILE A 150 -7.08 8.19 -6.03
CA ILE A 150 -8.08 7.16 -6.46
C ILE A 150 -9.36 7.46 -5.71
N SER A 151 -10.45 7.65 -6.42
CA SER A 151 -11.77 7.96 -5.80
C SER A 151 -12.74 6.86 -6.12
N PHE A 152 -13.49 6.41 -5.14
CA PHE A 152 -14.52 5.34 -5.28
C PHE A 152 -15.92 5.94 -5.25
N ASN A 153 -16.71 5.56 -6.23
CA ASN A 153 -18.17 5.77 -6.28
C ASN A 153 -18.54 7.26 -6.22
N GLU A 154 -17.67 8.15 -6.72
CA GLU A 154 -18.00 9.59 -6.71
C GLU A 154 -18.61 10.04 -8.03
N GLU A 155 -18.72 9.17 -9.03
CA GLU A 155 -19.38 9.53 -10.31
C GLU A 155 -20.89 9.37 -10.15
N ALA A 156 -21.60 10.49 -10.23
CA ALA A 156 -23.07 10.53 -10.07
C ALA A 156 -23.75 9.65 -11.13
N ASP A 157 -23.18 9.51 -12.32
CA ASP A 157 -23.90 8.94 -13.48
C ASP A 157 -23.66 7.42 -13.62
N SER A 158 -23.15 6.73 -12.61
CA SER A 158 -22.96 5.26 -12.68
C SER A 158 -23.26 4.64 -11.32
N ASP A 159 -23.52 3.34 -11.30
CA ASP A 159 -23.83 2.63 -10.04
C ASP A 159 -22.57 2.54 -9.17
N TYR A 160 -21.42 2.35 -9.80
CA TYR A 160 -20.13 2.28 -9.11
C TYR A 160 -19.12 3.00 -9.98
N SER A 161 -18.03 3.45 -9.38
CA SER A 161 -16.94 4.05 -10.17
C SER A 161 -15.61 3.88 -9.46
N ILE A 162 -14.57 3.77 -10.27
CA ILE A 162 -13.17 3.89 -9.78
C ILE A 162 -12.53 4.92 -10.67
N VAL A 163 -12.06 6.02 -10.09
CA VAL A 163 -11.46 7.12 -10.87
C VAL A 163 -10.03 7.27 -10.39
N PHE A 164 -9.11 7.30 -11.36
CA PHE A 164 -7.66 7.57 -11.12
C PHE A 164 -7.38 8.96 -11.62
N TYR A 165 -7.05 9.84 -10.70
CA TYR A 165 -6.71 11.24 -11.01
C TYR A 165 -5.22 11.43 -10.83
N PHE A 166 -4.52 11.82 -11.87
CA PHE A 166 -3.07 12.08 -11.83
C PHE A 166 -2.88 13.57 -12.06
N LYS A 167 -2.14 14.21 -11.18
CA LYS A 167 -1.88 15.65 -11.33
C LYS A 167 -0.47 15.94 -10.83
N TRP A 168 0.31 16.57 -11.68
CA TRP A 168 1.67 16.98 -11.32
C TRP A 168 1.77 18.48 -11.17
N TYR A 169 2.76 18.87 -10.37
CA TYR A 169 2.91 20.26 -9.86
C TYR A 169 4.17 20.85 -10.51
N LYS A 170 5.16 20.02 -10.73
CA LYS A 170 6.41 20.45 -11.40
C LYS A 170 6.16 20.76 -12.88
N THR A 171 6.99 21.59 -13.48
CA THR A 171 7.03 21.85 -14.94
C THR A 171 7.92 20.78 -15.57
N TYR A 172 7.32 19.79 -16.22
CA TYR A 172 8.15 18.75 -16.89
C TYR A 172 8.42 19.15 -18.33
N GLU A 173 9.64 18.86 -18.78
CA GLU A 173 10.06 19.13 -20.17
C GLU A 173 10.45 17.82 -20.85
N ASN A 174 9.61 17.39 -21.79
CA ASN A 174 9.84 16.21 -22.66
C ASN A 174 9.87 14.95 -21.78
N VAL A 175 8.82 14.77 -20.99
CA VAL A 175 8.66 13.61 -20.06
C VAL A 175 7.40 12.87 -20.49
N GLN A 176 7.57 11.63 -20.92
CA GLN A 176 6.38 10.79 -21.23
C GLN A 176 5.60 10.53 -19.95
N PHE A 177 4.28 10.66 -20.01
CA PHE A 177 3.48 10.21 -18.88
C PHE A 177 3.57 8.69 -18.80
N ASP A 178 4.19 8.20 -17.75
CA ASP A 178 4.50 6.76 -17.57
C ASP A 178 4.59 6.51 -16.08
N SER A 179 3.50 6.14 -15.45
CA SER A 179 3.47 6.13 -13.97
C SER A 179 4.06 4.85 -13.40
N SER A 180 4.84 4.96 -12.35
CA SER A 180 5.31 3.80 -11.57
C SER A 180 4.08 3.08 -11.00
N SER A 181 4.25 1.81 -10.72
CA SER A 181 3.10 0.99 -10.27
C SER A 181 2.60 1.48 -8.92
N PHE A 182 1.29 1.53 -8.79
CA PHE A 182 0.66 1.97 -7.53
C PHE A 182 -0.25 0.86 -7.01
N ASN A 183 0.01 0.42 -5.81
CA ASN A 183 -0.77 -0.65 -5.13
C ASN A 183 -1.79 -0.03 -4.18
N PHE A 184 -2.97 -0.58 -4.11
CA PHE A 184 -4.04 -0.03 -3.28
C PHE A 184 -5.03 -1.13 -2.94
N SER A 185 -5.98 -0.83 -2.10
CA SER A 185 -7.09 -1.74 -1.79
C SER A 185 -8.34 -0.95 -1.47
N TYR A 186 -9.47 -1.62 -1.53
CA TYR A 186 -10.77 -1.03 -1.11
C TYR A 186 -11.71 -2.12 -0.64
N ILE A 187 -12.76 -1.68 0.05
CA ILE A 187 -13.79 -2.56 0.61
C ILE A 187 -14.74 -2.95 -0.52
N ALA A 188 -14.94 -4.26 -0.69
CA ALA A 188 -15.82 -4.79 -1.75
C ALA A 188 -17.29 -4.61 -1.39
N GLN A 189 -18.12 -4.47 -2.41
CA GLN A 189 -19.59 -4.34 -2.25
C GLN A 189 -20.16 -5.64 -1.65
N GLU A 190 -19.69 -6.80 -2.08
CA GLU A 190 -20.15 -8.10 -1.49
C GLU A 190 -19.03 -9.13 -1.63
N ASP B 1 -18.16 -16.92 8.50
CA ASP B 1 -16.75 -16.97 7.99
C ASP B 1 -15.91 -15.97 8.80
N LYS B 2 -14.61 -16.25 8.91
CA LYS B 2 -13.66 -15.66 9.88
C LYS B 2 -12.44 -15.15 9.11
N LEU B 3 -12.63 -14.63 7.89
CA LEU B 3 -11.48 -14.10 7.13
C LEU B 3 -11.44 -12.59 7.23
N THR B 4 -12.47 -11.92 7.68
CA THR B 4 -12.49 -10.45 7.84
C THR B 4 -12.97 -10.07 9.23
N LEU B 5 -12.19 -9.27 9.92
CA LEU B 5 -12.53 -8.59 11.19
C LEU B 5 -12.67 -7.12 10.90
N TRP B 6 -13.76 -6.48 11.27
CA TRP B 6 -13.97 -5.08 10.88
C TRP B 6 -14.88 -4.31 11.84
N THR B 7 -14.95 -3.04 11.58
N THR B 7 -14.94 -3.02 11.61
CA THR B 7 -15.75 -2.01 12.26
CA THR B 7 -15.83 -2.06 12.31
C THR B 7 -17.18 -1.98 11.64
C THR B 7 -17.23 -2.03 11.68
N THR B 8 -17.43 -2.83 10.64
CA THR B 8 -18.43 -2.63 9.58
C THR B 8 -17.89 -1.56 8.65
N PRO B 9 -18.33 -1.53 7.39
CA PRO B 9 -17.85 -0.51 6.47
C PRO B 9 -18.37 0.91 6.69
N ASP B 10 -19.41 1.09 7.50
CA ASP B 10 -20.11 2.36 7.73
C ASP B 10 -20.47 2.48 9.21
N PRO B 11 -19.48 2.52 10.09
CA PRO B 11 -19.75 2.45 11.53
C PRO B 11 -20.44 3.70 12.04
N SER B 12 -21.33 3.53 13.01
CA SER B 12 -21.77 4.67 13.85
C SER B 12 -20.58 5.02 14.76
N PRO B 13 -20.63 6.19 15.43
CA PRO B 13 -19.47 6.61 16.21
C PRO B 13 -19.03 5.52 17.18
N ASN B 14 -17.73 5.24 17.15
CA ASN B 14 -17.17 4.06 17.82
C ASN B 14 -15.86 4.36 18.54
N CYS B 15 -15.50 5.64 18.70
N CYS B 15 -15.42 5.63 18.60
CA CYS B 15 -14.15 6.03 19.15
CA CYS B 15 -14.18 5.98 19.31
C CYS B 15 -14.24 7.24 20.08
C CYS B 15 -14.31 7.21 20.16
N LYS B 16 -13.48 7.23 21.20
CA LYS B 16 -13.32 8.35 22.13
C LYS B 16 -11.92 8.92 21.95
N ILE B 17 -11.73 9.98 21.18
CA ILE B 17 -10.45 10.72 21.20
C ILE B 17 -10.41 11.59 22.45
N ILE B 18 -11.41 12.45 22.59
CA ILE B 18 -11.54 13.36 23.76
C ILE B 18 -12.81 13.01 24.53
N GLU B 19 -13.93 12.88 23.84
CA GLU B 19 -15.22 12.53 24.46
C GLU B 19 -15.77 11.27 23.83
N ASP B 20 -16.62 10.56 24.56
N ASP B 20 -16.61 10.57 24.56
CA ASP B 20 -17.26 9.31 24.07
CA ASP B 20 -17.30 9.34 24.08
C ASP B 20 -17.88 9.57 22.70
C ASP B 20 -17.87 9.59 22.69
N LYS B 21 -17.64 8.65 21.78
CA LYS B 21 -18.32 8.64 20.46
C LYS B 21 -18.10 9.95 19.72
N ASP B 22 -16.91 10.54 19.86
CA ASP B 22 -16.60 11.76 19.09
C ASP B 22 -16.08 11.45 17.71
N SER B 23 -15.89 10.18 17.34
CA SER B 23 -15.21 9.86 16.08
C SER B 23 -15.67 8.51 15.56
N LYS B 24 -15.51 8.34 14.26
CA LYS B 24 -15.82 7.10 13.54
C LYS B 24 -14.53 6.56 12.96
N LEU B 25 -14.05 5.43 13.45
CA LEU B 25 -12.91 4.72 12.85
C LEU B 25 -13.45 3.65 11.94
N THR B 26 -13.13 3.70 10.66
CA THR B 26 -13.39 2.59 9.73
C THR B 26 -12.13 1.75 9.65
N LEU B 27 -12.17 0.50 10.05
CA LEU B 27 -10.99 -0.38 10.04
C LEU B 27 -11.42 -1.73 9.55
N ILE B 28 -10.79 -2.24 8.51
N ILE B 28 -10.75 -2.24 8.53
CA ILE B 28 -11.04 -3.59 7.97
CA ILE B 28 -10.99 -3.57 7.95
C ILE B 28 -9.71 -4.35 8.01
C ILE B 28 -9.69 -4.33 8.06
N LEU B 29 -9.74 -5.56 8.54
CA LEU B 29 -8.58 -6.47 8.59
C LEU B 29 -8.99 -7.75 7.90
N THR B 30 -8.29 -8.13 6.84
CA THR B 30 -8.60 -9.34 6.08
C THR B 30 -7.40 -10.27 6.14
N LYS B 31 -7.62 -11.51 6.46
CA LYS B 31 -6.55 -12.52 6.56
C LYS B 31 -6.28 -13.08 5.17
N CYS B 32 -5.03 -12.95 4.71
CA CYS B 32 -4.51 -13.62 3.50
C CYS B 32 -3.32 -14.46 3.96
N GLY B 33 -3.67 -15.58 4.58
CA GLY B 33 -2.74 -16.55 5.19
C GLY B 33 -1.86 -15.87 6.21
N SER B 34 -0.56 -15.75 5.91
CA SER B 34 0.44 -15.27 6.90
C SER B 34 0.35 -13.75 7.07
N GLN B 35 -0.37 -13.02 6.20
CA GLN B 35 -0.44 -11.54 6.31
C GLN B 35 -1.87 -11.11 6.53
N ILE B 36 -2.01 -10.05 7.28
CA ILE B 36 -3.29 -9.29 7.44
C ILE B 36 -3.22 -8.09 6.53
N LEU B 37 -4.25 -7.89 5.73
CA LEU B 37 -4.39 -6.73 4.84
C LEU B 37 -5.35 -5.75 5.49
N GLY B 38 -4.90 -4.55 5.75
CA GLY B 38 -5.74 -3.61 6.51
C GLY B 38 -6.04 -2.37 5.72
N SER B 39 -7.14 -1.71 6.04
N SER B 39 -7.12 -1.71 6.08
CA SER B 39 -7.40 -0.34 5.55
CA SER B 39 -7.42 -0.35 5.59
C SER B 39 -8.07 0.45 6.65
C SER B 39 -8.00 0.44 6.74
N VAL B 40 -7.64 1.69 6.84
CA VAL B 40 -8.08 2.51 7.99
C VAL B 40 -8.39 3.91 7.51
N SER B 41 -9.41 4.51 8.08
CA SER B 41 -9.72 5.92 7.91
C SER B 41 -10.42 6.41 9.16
N LEU B 42 -10.25 7.67 9.49
CA LEU B 42 -10.77 8.22 10.77
C LEU B 42 -11.45 9.54 10.48
N LEU B 43 -12.68 9.68 10.93
CA LEU B 43 -13.47 10.92 10.83
C LEU B 43 -13.81 11.36 12.23
N VAL B 44 -13.45 12.57 12.62
CA VAL B 44 -13.81 13.13 13.94
C VAL B 44 -15.03 14.01 13.74
N VAL B 45 -16.12 13.63 14.42
CA VAL B 45 -17.45 14.27 14.20
C VAL B 45 -17.81 15.29 15.27
N LYS B 46 -17.15 15.24 16.44
N LYS B 46 -17.16 15.23 16.44
CA LYS B 46 -17.37 16.21 17.54
CA LYS B 46 -17.39 16.20 17.55
C LYS B 46 -16.06 16.67 18.11
C LYS B 46 -16.06 16.66 18.11
N GLY B 47 -16.08 17.85 18.69
CA GLY B 47 -14.93 18.40 19.43
C GLY B 47 -13.96 19.15 18.57
N LYS B 48 -12.87 19.59 19.16
CA LYS B 48 -11.87 20.44 18.45
C LYS B 48 -11.41 19.77 17.17
N PHE B 49 -11.19 18.46 17.16
CA PHE B 49 -10.62 17.82 15.96
C PHE B 49 -11.66 17.68 14.86
N SER B 50 -12.94 17.94 15.13
CA SER B 50 -13.96 17.95 14.07
C SER B 50 -13.89 19.24 13.26
N ASN B 51 -13.14 20.23 13.73
CA ASN B 51 -12.93 21.51 12.99
C ASN B 51 -11.61 22.10 13.48
N ILE B 52 -10.52 21.47 13.07
CA ILE B 52 -9.16 21.84 13.56
C ILE B 52 -8.93 23.33 13.30
N ASN B 53 -8.56 24.08 14.32
CA ASN B 53 -8.05 25.45 14.12
C ASN B 53 -6.83 25.63 15.01
N ASN B 54 -5.65 25.52 14.40
CA ASN B 54 -4.37 25.55 15.14
C ASN B 54 -3.87 26.99 15.34
N THR B 55 -4.62 27.98 14.88
CA THR B 55 -4.42 29.38 15.33
C THR B 55 -5.08 29.51 16.72
N THR B 56 -6.30 29.00 16.87
CA THR B 56 -7.02 29.01 18.16
C THR B 56 -6.35 28.04 19.16
N ASN B 57 -5.98 26.86 18.67
CA ASN B 57 -5.50 25.73 19.51
C ASN B 57 -4.13 25.34 18.96
N PRO B 58 -3.07 26.04 19.42
CA PRO B 58 -1.76 25.93 18.77
C PRO B 58 -0.78 24.91 19.37
N ASN B 59 -1.18 24.15 20.37
CA ASN B 59 -0.25 23.35 21.18
C ASN B 59 -0.07 21.97 20.54
N GLU B 60 0.99 21.27 20.95
CA GLU B 60 1.33 19.95 20.35
C GLU B 60 0.13 19.00 20.48
N ALA B 61 -0.60 18.98 21.58
CA ALA B 61 -1.74 18.06 21.78
C ALA B 61 -2.91 18.40 20.84
N ASP B 62 -2.89 19.59 20.24
CA ASP B 62 -3.89 20.05 19.27
C ASP B 62 -3.51 19.65 17.84
N LYS B 63 -2.40 18.94 17.65
CA LYS B 63 -1.86 18.63 16.31
C LYS B 63 -1.58 17.15 16.19
N GLN B 64 -2.21 16.30 16.99
CA GLN B 64 -2.02 14.84 16.87
C GLN B 64 -3.22 14.13 17.47
N ILE B 65 -3.42 12.92 16.99
CA ILE B 65 -4.47 11.98 17.44
C ILE B 65 -3.85 10.63 17.59
N THR B 66 -4.09 9.93 18.68
CA THR B 66 -3.70 8.52 18.88
C THR B 66 -4.93 7.66 19.06
N VAL B 67 -5.07 6.65 18.25
CA VAL B 67 -6.13 5.62 18.38
C VAL B 67 -5.42 4.32 18.75
N LYS B 68 -5.72 3.79 19.92
CA LYS B 68 -5.06 2.57 20.46
C LYS B 68 -6.07 1.43 20.44
N LEU B 69 -5.70 0.35 19.80
CA LEU B 69 -6.44 -0.92 19.92
C LEU B 69 -5.56 -1.87 20.71
N LEU B 70 -6.02 -2.26 21.89
CA LEU B 70 -5.29 -3.13 22.81
C LEU B 70 -5.99 -4.48 22.81
N PHE B 71 -5.27 -5.58 22.73
CA PHE B 71 -5.89 -6.92 22.67
C PHE B 71 -5.27 -7.84 23.71
N ASP B 72 -6.11 -8.74 24.20
CA ASP B 72 -5.73 -9.78 25.17
C ASP B 72 -5.19 -11.00 24.42
N ALA B 73 -4.89 -12.07 25.15
CA ALA B 73 -4.23 -13.25 24.58
C ALA B 73 -5.14 -13.94 23.56
N ASN B 74 -6.45 -13.69 23.60
CA ASN B 74 -7.40 -14.27 22.63
C ASN B 74 -7.61 -13.36 21.43
N GLY B 75 -6.93 -12.21 21.36
CA GLY B 75 -7.17 -11.25 20.28
C GLY B 75 -8.46 -10.46 20.45
N VAL B 76 -9.00 -10.39 21.66
CA VAL B 76 -10.24 -9.64 21.97
C VAL B 76 -9.83 -8.24 22.41
N LEU B 77 -10.56 -7.23 21.95
CA LEU B 77 -10.29 -5.82 22.29
C LEU B 77 -10.48 -5.59 23.79
N LYS B 78 -9.49 -5.01 24.44
CA LYS B 78 -9.46 -4.68 25.87
C LYS B 78 -10.06 -3.32 26.15
N GLN B 79 -10.65 -3.23 27.34
CA GLN B 79 -11.07 -1.95 27.93
C GLN B 79 -9.84 -1.05 27.95
N GLY B 80 -10.08 0.21 27.66
CA GLY B 80 -8.99 1.19 27.63
C GLY B 80 -8.54 1.42 26.20
N SER B 81 -8.91 0.55 25.26
CA SER B 81 -8.84 0.85 23.81
C SER B 81 -9.63 2.13 23.50
N THR B 82 -9.18 2.88 22.51
CA THR B 82 -9.84 4.10 22.02
C THR B 82 -11.19 3.73 21.41
N MET B 83 -11.24 2.58 20.75
CA MET B 83 -12.43 2.12 20.03
C MET B 83 -13.30 1.22 20.89
N ASP B 84 -14.59 1.39 20.76
N ASP B 84 -14.60 1.38 20.75
CA ASP B 84 -15.68 0.54 21.32
CA ASP B 84 -15.62 0.52 21.39
C ASP B 84 -15.74 -0.81 20.61
C ASP B 84 -15.80 -0.78 20.61
N SER B 85 -16.15 -1.86 21.31
CA SER B 85 -16.17 -3.23 20.75
C SER B 85 -17.53 -3.62 20.13
N SER B 86 -18.60 -2.87 20.28
CA SER B 86 -19.98 -3.32 19.98
C SER B 86 -20.12 -3.78 18.53
N TYR B 87 -19.56 -3.05 17.59
CA TYR B 87 -19.63 -3.34 16.14
C TYR B 87 -18.28 -3.82 15.60
N TRP B 88 -17.33 -4.21 16.45
CA TRP B 88 -16.01 -4.78 16.08
C TRP B 88 -16.16 -6.29 16.09
N ASN B 89 -16.25 -6.89 14.90
CA ASN B 89 -16.65 -8.30 14.83
C ASN B 89 -16.27 -8.86 13.46
N TYR B 90 -16.35 -10.17 13.34
CA TYR B 90 -16.17 -10.84 12.04
C TYR B 90 -17.25 -10.39 11.06
N ARG B 91 -16.87 -10.26 9.79
CA ARG B 91 -17.83 -10.10 8.68
C ARG B 91 -18.48 -11.49 8.55
N SER B 92 -19.78 -11.52 8.43
CA SER B 92 -20.44 -12.78 8.05
C SER B 92 -21.69 -12.49 7.22
N ASP B 93 -22.49 -13.52 6.94
CA ASP B 93 -23.77 -13.30 6.21
C ASP B 93 -24.77 -12.59 7.13
N ASN B 94 -24.58 -12.67 8.46
CA ASN B 94 -25.33 -11.84 9.44
C ASN B 94 -24.77 -10.41 9.38
N SER B 95 -25.52 -9.42 8.86
CA SER B 95 -25.05 -8.01 8.76
C SER B 95 -25.38 -7.18 10.01
N ASN B 96 -25.97 -7.78 11.06
CA ASN B 96 -26.42 -7.03 12.26
C ASN B 96 -25.43 -7.27 13.41
N LEU B 97 -25.40 -6.34 14.38
CA LEU B 97 -24.70 -6.55 15.67
C LEU B 97 -25.01 -7.97 16.17
N SER B 98 -23.99 -8.71 16.61
CA SER B 98 -24.12 -10.11 17.08
C SER B 98 -23.24 -10.43 18.29
N GLN B 99 -23.27 -11.65 18.83
CA GLN B 99 -22.46 -12.12 20.00
C GLN B 99 -20.99 -11.73 19.72
N PRO B 100 -20.26 -11.20 20.72
CA PRO B 100 -18.84 -10.86 20.52
C PRO B 100 -18.04 -12.10 20.10
N TYR B 101 -17.04 -11.87 19.26
CA TYR B 101 -16.13 -13.00 18.93
C TYR B 101 -15.34 -13.41 20.18
N LYS B 102 -14.90 -14.66 20.25
CA LYS B 102 -14.13 -15.19 21.40
C LYS B 102 -12.64 -15.26 21.10
N LYS B 103 -12.28 -15.49 19.84
CA LYS B 103 -10.87 -15.67 19.44
C LYS B 103 -10.63 -15.02 18.07
N ALA B 104 -9.51 -14.31 17.98
CA ALA B 104 -9.01 -13.73 16.72
C ALA B 104 -7.49 -13.63 16.78
N VAL B 105 -6.84 -14.65 17.34
CA VAL B 105 -5.36 -14.65 17.41
C VAL B 105 -4.77 -14.60 16.00
N GLY B 106 -5.43 -15.19 14.99
CA GLY B 106 -4.97 -15.20 13.59
C GLY B 106 -4.97 -13.81 12.99
N PHE B 107 -5.60 -12.82 13.63
CA PHE B 107 -5.62 -11.42 13.16
C PHE B 107 -4.63 -10.57 13.91
N MET B 108 -3.97 -11.11 14.93
CA MET B 108 -3.11 -10.29 15.80
C MET B 108 -1.76 -10.11 15.13
N PRO B 109 -1.07 -8.98 15.39
CA PRO B 109 0.27 -8.82 14.88
C PRO B 109 1.22 -9.82 15.56
N SER B 110 2.03 -10.49 14.75
CA SER B 110 2.99 -11.52 15.18
C SER B 110 3.86 -11.02 16.33
N LYS B 111 3.99 -11.79 17.40
CA LYS B 111 4.94 -11.46 18.48
C LYS B 111 6.39 -11.73 18.05
N THR B 112 6.61 -12.61 17.06
CA THR B 112 7.98 -12.89 16.58
C THR B 112 8.40 -11.81 15.56
N ALA B 113 7.49 -11.33 14.72
CA ALA B 113 7.81 -10.21 13.82
C ALA B 113 7.97 -8.94 14.65
N TYR B 114 7.11 -8.76 15.65
CA TYR B 114 6.95 -7.47 16.36
C TYR B 114 7.07 -7.70 17.86
N PRO B 115 8.24 -8.10 18.36
CA PRO B 115 8.42 -8.39 19.77
C PRO B 115 8.36 -7.09 20.57
N LYS B 116 7.98 -7.18 21.85
CA LYS B 116 8.15 -6.05 22.79
C LYS B 116 9.65 -5.81 22.96
N GLN B 117 10.05 -4.55 23.13
CA GLN B 117 11.47 -4.16 23.34
C GLN B 117 11.78 -4.14 24.84
N THR B 118 13.00 -4.57 25.18
CA THR B 118 13.60 -4.53 26.53
C THR B 118 14.42 -3.24 26.63
N LYS B 119 14.71 -2.77 27.85
CA LYS B 119 15.06 -1.35 28.10
C LYS B 119 16.37 -1.03 27.39
N PRO B 120 17.46 -1.83 27.53
CA PRO B 120 18.65 -1.60 26.72
C PRO B 120 18.30 -1.95 25.26
N THR B 121 18.08 -0.95 24.40
CA THR B 121 18.02 -1.13 22.93
C THR B 121 19.36 -1.71 22.47
N ASN B 122 19.31 -2.57 21.46
CA ASN B 122 20.37 -3.51 21.01
C ASN B 122 20.42 -3.39 19.49
N LYS B 123 21.60 -3.16 18.89
CA LYS B 123 21.71 -2.94 17.42
C LYS B 123 21.28 -4.20 16.66
N GLU B 124 21.22 -5.36 17.33
CA GLU B 124 20.79 -6.62 16.67
C GLU B 124 19.28 -6.69 16.56
N ILE B 125 18.52 -5.81 17.23
CA ILE B 125 17.03 -5.89 17.31
C ILE B 125 16.44 -4.63 16.67
N SER B 126 15.60 -4.79 15.67
CA SER B 126 15.01 -3.64 14.95
C SER B 126 14.13 -2.82 15.87
N GLN B 127 14.20 -1.50 15.76
CA GLN B 127 13.25 -0.54 16.36
C GLN B 127 12.20 -0.08 15.36
N ALA B 128 12.41 -0.34 14.06
CA ALA B 128 11.56 0.23 13.00
C ALA B 128 10.55 -0.76 12.44
N LYS B 129 10.86 -2.05 12.53
CA LYS B 129 10.07 -3.03 11.71
C LYS B 129 8.64 -3.15 12.23
N ASN B 130 8.36 -2.76 13.46
CA ASN B 130 7.00 -2.82 13.98
C ASN B 130 6.25 -1.52 13.67
N LYS B 131 6.79 -0.65 12.80
CA LYS B 131 6.12 0.58 12.41
C LYS B 131 5.93 0.66 10.90
N ILE B 132 4.80 1.22 10.52
CA ILE B 132 4.52 1.65 9.13
C ILE B 132 4.38 3.17 9.20
N VAL B 133 5.15 3.90 8.43
CA VAL B 133 5.18 5.38 8.50
C VAL B 133 4.85 5.90 7.12
N SER B 134 3.88 6.78 7.00
CA SER B 134 3.50 7.37 5.71
C SER B 134 2.73 8.65 5.95
N ASN B 135 2.01 9.09 4.95
CA ASN B 135 1.14 10.26 5.05
C ASN B 135 -0.25 9.85 4.59
N VAL B 136 -1.24 10.44 5.23
CA VAL B 136 -2.64 10.50 4.77
C VAL B 136 -3.00 11.95 4.55
N TYR B 137 -4.17 12.23 4.00
CA TYR B 137 -4.50 13.59 3.53
C TYR B 137 -5.87 13.94 4.01
N LEU B 138 -5.96 14.99 4.80
CA LEU B 138 -7.25 15.36 5.39
C LEU B 138 -8.18 15.87 4.31
N GLY B 139 -9.40 15.37 4.30
CA GLY B 139 -10.38 15.69 3.25
C GLY B 139 -9.96 15.14 1.89
N GLY B 140 -8.94 14.29 1.84
CA GLY B 140 -8.45 13.80 0.55
C GLY B 140 -7.75 14.86 -0.28
N LYS B 141 -7.24 15.91 0.39
CA LYS B 141 -6.61 17.09 -0.29
C LYS B 141 -5.10 16.97 -0.18
N ILE B 142 -4.36 16.99 -1.29
CA ILE B 142 -2.88 16.86 -1.23
C ILE B 142 -2.25 17.98 -0.40
N ASP B 143 -2.88 19.14 -0.32
N ASP B 143 -2.87 19.15 -0.32
CA ASP B 143 -2.30 20.26 0.49
CA ASP B 143 -2.26 20.25 0.50
C ASP B 143 -2.66 20.13 1.96
C ASP B 143 -2.66 20.13 1.96
N GLN B 144 -3.25 19.02 2.41
CA GLN B 144 -3.56 18.82 3.86
C GLN B 144 -2.93 17.53 4.34
N PRO B 145 -1.61 17.37 4.25
CA PRO B 145 -0.96 16.15 4.73
C PRO B 145 -1.07 15.98 6.25
N CYS B 146 -0.99 14.73 6.62
CA CYS B 146 -0.96 14.29 8.01
C CYS B 146 -0.09 13.03 8.08
N VAL B 147 0.89 12.99 8.94
CA VAL B 147 1.71 11.76 9.09
C VAL B 147 0.83 10.70 9.73
N ILE B 148 0.97 9.47 9.31
CA ILE B 148 0.41 8.29 10.00
C ILE B 148 1.58 7.41 10.40
N ILE B 149 1.58 6.93 11.63
CA ILE B 149 2.48 5.87 12.10
C ILE B 149 1.60 4.78 12.67
N ILE B 150 1.65 3.60 12.09
CA ILE B 150 0.95 2.42 12.67
C ILE B 150 2.01 1.62 13.40
N SER B 151 1.82 1.35 14.68
CA SER B 151 2.78 0.61 15.52
C SER B 151 2.13 -0.68 16.01
N PHE B 152 2.90 -1.77 15.95
CA PHE B 152 2.41 -3.11 16.35
C PHE B 152 3.09 -3.53 17.65
N ASN B 153 2.24 -3.95 18.59
CA ASN B 153 2.66 -4.69 19.81
C ASN B 153 3.57 -3.86 20.70
N GLU B 154 3.51 -2.54 20.65
CA GLU B 154 4.41 -1.69 21.45
C GLU B 154 3.76 -1.28 22.78
N GLU B 155 2.45 -1.54 22.98
CA GLU B 155 1.78 -1.16 24.25
C GLU B 155 2.10 -2.19 25.34
N ALA B 156 2.77 -1.73 26.40
CA ALA B 156 3.41 -2.60 27.40
C ALA B 156 2.39 -3.51 28.09
N ASP B 157 1.19 -3.03 28.34
CA ASP B 157 0.30 -3.75 29.31
C ASP B 157 -0.67 -4.69 28.57
N SER B 158 -0.48 -4.97 27.28
CA SER B 158 -1.40 -5.80 26.46
C SER B 158 -0.62 -6.86 25.72
N ASP B 159 -1.27 -7.97 25.41
CA ASP B 159 -0.64 -9.09 24.68
C ASP B 159 -0.34 -8.65 23.25
N TYR B 160 -1.24 -7.87 22.65
CA TYR B 160 -1.07 -7.36 21.28
C TYR B 160 -1.61 -5.94 21.23
N SER B 161 -1.14 -5.17 20.27
CA SER B 161 -1.73 -3.84 20.07
C SER B 161 -1.54 -3.39 18.62
N ILE B 162 -2.49 -2.58 18.17
CA ILE B 162 -2.37 -1.85 16.88
C ILE B 162 -2.67 -0.41 17.24
N VAL B 163 -1.71 0.46 17.03
CA VAL B 163 -1.88 1.88 17.39
C VAL B 163 -1.74 2.70 16.14
N PHE B 164 -2.70 3.56 15.87
CA PHE B 164 -2.70 4.53 14.75
C PHE B 164 -2.40 5.91 15.32
N TYR B 165 -1.25 6.46 14.97
CA TYR B 165 -0.81 7.80 15.39
C TYR B 165 -0.88 8.73 14.21
N PHE B 166 -1.63 9.79 14.31
CA PHE B 166 -1.81 10.83 13.28
C PHE B 166 -1.18 12.10 13.82
N LYS B 167 -0.33 12.75 13.04
CA LYS B 167 0.28 14.01 13.48
C LYS B 167 0.50 14.92 12.28
N TRP B 168 0.10 16.18 12.44
CA TRP B 168 0.25 17.15 11.36
C TRP B 168 1.13 18.29 11.81
N TYR B 169 1.71 18.96 10.84
CA TYR B 169 2.68 20.05 11.04
C TYR B 169 2.07 21.37 10.60
N LYS B 170 1.19 21.38 9.63
CA LYS B 170 0.61 22.61 9.12
C LYS B 170 -0.29 23.23 10.19
N THR B 171 -0.46 24.55 10.13
N THR B 171 -0.50 24.54 10.12
CA THR B 171 -1.46 25.29 10.94
CA THR B 171 -1.46 25.25 11.01
C THR B 171 -2.77 25.21 10.18
C THR B 171 -2.83 25.29 10.33
N TYR B 172 -3.60 24.22 10.48
CA TYR B 172 -4.88 24.09 9.79
C TYR B 172 -5.86 25.07 10.38
N GLU B 173 -6.64 25.71 9.52
N GLU B 173 -6.66 25.68 9.51
CA GLU B 173 -7.69 26.67 9.95
CA GLU B 173 -7.69 26.67 9.90
C GLU B 173 -9.04 26.15 9.46
C GLU B 173 -9.05 26.14 9.45
N ASN B 174 -9.83 25.60 10.37
CA ASN B 174 -11.21 25.12 10.13
C ASN B 174 -11.17 23.92 9.19
N VAL B 175 -10.38 22.92 9.52
CA VAL B 175 -10.25 21.66 8.73
C VAL B 175 -10.70 20.49 9.59
N GLN B 176 -11.76 19.79 9.16
CA GLN B 176 -12.21 18.62 9.93
C GLN B 176 -11.14 17.52 9.83
N PHE B 177 -10.82 16.84 10.93
CA PHE B 177 -9.97 15.65 10.85
C PHE B 177 -10.79 14.56 10.14
N ASP B 178 -10.39 14.23 8.93
CA ASP B 178 -11.09 13.30 8.04
C ASP B 178 -10.03 12.68 7.15
N SER B 179 -9.48 11.55 7.56
CA SER B 179 -8.30 11.01 6.86
C SER B 179 -8.67 10.23 5.62
N SER B 180 -7.91 10.42 4.54
CA SER B 180 -8.01 9.58 3.34
C SER B 180 -7.69 8.14 3.72
N SER B 181 -8.24 7.20 2.96
CA SER B 181 -8.07 5.79 3.29
C SER B 181 -6.61 5.38 3.16
N PHE B 182 -6.14 4.63 4.14
CA PHE B 182 -4.74 4.16 4.20
C PHE B 182 -4.71 2.65 4.21
N ASN B 183 -4.00 2.07 3.26
N ASN B 183 -4.07 2.05 3.23
CA ASN B 183 -3.86 0.62 3.08
CA ASN B 183 -3.94 0.58 3.17
C ASN B 183 -2.54 0.13 3.66
C ASN B 183 -2.59 0.20 3.77
N PHE B 184 -2.52 -0.99 4.34
CA PHE B 184 -1.31 -1.49 5.00
C PHE B 184 -1.45 -2.99 5.17
N SER B 185 -0.40 -3.61 5.64
CA SER B 185 -0.38 -5.04 5.92
C SER B 185 0.59 -5.29 7.06
N TYR B 186 0.42 -6.42 7.70
CA TYR B 186 1.36 -6.87 8.74
C TYR B 186 1.33 -8.38 8.81
N ILE B 187 2.33 -8.92 9.50
CA ILE B 187 2.52 -10.37 9.67
C ILE B 187 1.61 -10.86 10.80
N ALA B 188 0.82 -11.88 10.52
CA ALA B 188 -0.15 -12.46 11.49
C ALA B 188 0.58 -13.34 12.51
N GLN B 189 0.04 -13.37 13.73
CA GLN B 189 0.58 -14.23 14.81
C GLN B 189 0.51 -15.70 14.44
N GLU B 190 -0.57 -16.14 13.80
CA GLU B 190 -0.68 -17.54 13.33
C GLU B 190 -1.60 -17.56 12.10
N LYS C 2 -2.52 -16.75 0.38
CA LYS C 2 -2.67 -18.25 0.46
C LYS C 2 -1.31 -18.86 0.85
N LEU C 3 -0.48 -19.22 -0.14
CA LEU C 3 0.86 -19.81 0.05
C LEU C 3 1.90 -18.71 0.29
N THR C 4 2.87 -18.98 1.16
CA THR C 4 3.85 -17.97 1.60
C THR C 4 5.28 -18.47 1.39
N LEU C 5 6.10 -17.63 0.77
CA LEU C 5 7.55 -17.82 0.62
C LEU C 5 8.18 -16.67 1.41
N TRP C 6 9.06 -16.99 2.35
CA TRP C 6 9.49 -15.95 3.30
C TRP C 6 10.83 -16.26 3.96
N THR C 7 11.31 -15.28 4.67
CA THR C 7 12.52 -15.34 5.54
C THR C 7 12.14 -15.81 6.94
N THR C 8 10.86 -16.10 7.19
CA THR C 8 10.21 -16.13 8.53
C THR C 8 10.13 -14.70 9.05
N PRO C 9 9.36 -14.45 10.12
CA PRO C 9 9.30 -13.11 10.68
C PRO C 9 10.55 -12.61 11.41
N ASP C 10 11.46 -13.50 11.84
CA ASP C 10 12.64 -13.04 12.63
C ASP C 10 13.87 -13.85 12.21
N PRO C 11 14.32 -13.69 10.95
CA PRO C 11 15.53 -14.37 10.52
C PRO C 11 16.74 -13.91 11.35
N SER C 12 17.72 -14.77 11.50
CA SER C 12 19.08 -14.38 11.91
C SER C 12 19.71 -13.62 10.76
N PRO C 13 20.83 -12.91 10.97
CA PRO C 13 21.46 -12.16 9.88
C PRO C 13 21.63 -13.05 8.65
N ASN C 14 21.16 -12.57 7.51
CA ASN C 14 20.98 -13.39 6.29
C ASN C 14 21.32 -12.61 5.02
N CYS C 15 22.03 -11.49 5.15
N CYS C 15 22.07 -11.52 5.15
CA CYS C 15 22.27 -10.56 4.04
CA CYS C 15 22.22 -10.51 4.09
C CYS C 15 23.68 -9.97 4.15
C CYS C 15 23.64 -9.93 4.15
N LYS C 16 24.27 -9.72 2.98
CA LYS C 16 25.62 -9.15 2.85
C LYS C 16 25.49 -7.80 2.14
N ILE C 17 25.45 -6.70 2.88
CA ILE C 17 25.58 -5.36 2.24
C ILE C 17 27.05 -5.15 1.88
N ILE C 18 27.93 -5.26 2.89
CA ILE C 18 29.40 -5.13 2.72
C ILE C 18 30.07 -6.46 3.09
N GLU C 19 29.71 -7.03 4.24
CA GLU C 19 30.32 -8.30 4.74
C GLU C 19 29.24 -9.33 5.03
N ASP C 20 29.58 -10.60 4.95
CA ASP C 20 28.63 -11.72 5.19
C ASP C 20 27.83 -11.47 6.49
N LYS C 21 26.52 -11.65 6.42
CA LYS C 21 25.61 -11.62 7.59
C LYS C 21 25.79 -10.29 8.36
N ASP C 22 26.01 -9.20 7.66
CA ASP C 22 26.07 -7.87 8.32
C ASP C 22 24.65 -7.28 8.45
N SER C 23 23.61 -7.95 7.96
CA SER C 23 22.26 -7.36 7.93
C SER C 23 21.20 -8.46 7.98
N LYS C 24 20.00 -8.07 8.39
CA LYS C 24 18.80 -8.95 8.48
C LYS C 24 17.76 -8.40 7.51
N LEU C 25 17.43 -9.15 6.46
CA LEU C 25 16.32 -8.81 5.56
C LEU C 25 15.13 -9.65 5.95
N THR C 26 14.05 -8.98 6.34
CA THR C 26 12.77 -9.69 6.62
C THR C 26 11.90 -9.47 5.40
N LEU C 27 11.54 -10.55 4.70
CA LEU C 27 10.82 -10.48 3.42
C LEU C 27 9.76 -11.56 3.40
N ILE C 28 8.52 -11.16 3.21
CA ILE C 28 7.36 -12.11 3.19
C ILE C 28 6.67 -11.92 1.86
N LEU C 29 6.47 -13.01 1.13
CA LEU C 29 5.73 -13.01 -0.16
C LEU C 29 4.55 -13.95 -0.01
N THR C 30 3.36 -13.45 -0.18
CA THR C 30 2.14 -14.26 -0.08
C THR C 30 1.40 -14.24 -1.42
N LYS C 31 1.04 -15.41 -1.92
CA LYS C 31 0.32 -15.47 -3.21
C LYS C 31 -1.17 -15.26 -2.95
N CYS C 32 -1.77 -14.29 -3.61
CA CYS C 32 -3.19 -13.98 -3.59
C CYS C 32 -3.66 -13.89 -5.04
N GLY C 33 -4.20 -14.98 -5.55
CA GLY C 33 -4.61 -15.08 -6.97
C GLY C 33 -3.44 -14.75 -7.87
N SER C 34 -3.60 -13.72 -8.68
N SER C 34 -3.59 -13.74 -8.72
CA SER C 34 -2.63 -13.32 -9.74
CA SER C 34 -2.59 -13.34 -9.75
C SER C 34 -1.54 -12.40 -9.18
C SER C 34 -1.55 -12.38 -9.19
N GLN C 35 -1.64 -12.00 -7.92
CA GLN C 35 -0.71 -11.03 -7.33
C GLN C 35 0.07 -11.68 -6.20
N ILE C 36 1.26 -11.15 -5.97
CA ILE C 36 2.06 -11.45 -4.76
C ILE C 36 1.93 -10.23 -3.87
N LEU C 37 1.65 -10.48 -2.61
CA LEU C 37 1.62 -9.42 -1.58
C LEU C 37 2.93 -9.53 -0.81
N GLY C 38 3.69 -8.45 -0.76
CA GLY C 38 5.01 -8.47 -0.15
C GLY C 38 5.12 -7.50 1.01
N SER C 39 5.98 -7.80 1.95
N SER C 39 6.00 -7.83 1.92
CA SER C 39 6.41 -6.81 2.96
CA SER C 39 6.39 -6.94 3.03
C SER C 39 7.89 -6.99 3.20
C SER C 39 7.90 -7.02 3.13
N VAL C 40 8.62 -5.89 3.28
N VAL C 40 8.56 -5.91 3.38
CA VAL C 40 10.09 -5.94 3.44
CA VAL C 40 10.04 -5.94 3.43
C VAL C 40 10.51 -4.95 4.52
C VAL C 40 10.56 -4.93 4.44
N SER C 41 11.53 -5.35 5.25
CA SER C 41 12.27 -4.45 6.16
C SER C 41 13.71 -4.91 6.19
N LEU C 42 14.61 -3.96 6.40
CA LEU C 42 16.06 -4.22 6.42
C LEU C 42 16.67 -3.57 7.66
N LEU C 43 17.39 -4.37 8.42
CA LEU C 43 18.16 -3.91 9.59
C LEU C 43 19.63 -4.22 9.31
N VAL C 44 20.50 -3.22 9.37
CA VAL C 44 21.94 -3.48 9.25
C VAL C 44 22.56 -3.55 10.63
N VAL C 45 23.15 -4.68 10.98
CA VAL C 45 23.62 -4.98 12.37
C VAL C 45 25.13 -4.77 12.55
N LYS C 46 25.94 -4.85 11.51
CA LYS C 46 27.39 -4.57 11.51
C LYS C 46 27.81 -3.65 10.37
N GLY C 47 28.95 -2.98 10.51
CA GLY C 47 29.53 -2.18 9.42
C GLY C 47 29.06 -0.74 9.44
N LYS C 48 29.51 0.03 8.45
CA LYS C 48 29.23 1.48 8.39
C LYS C 48 27.73 1.72 8.42
N PHE C 49 26.91 0.89 7.75
CA PHE C 49 25.48 1.20 7.64
C PHE C 49 24.74 0.82 8.93
N SER C 50 25.39 0.15 9.88
CA SER C 50 24.77 -0.14 11.20
C SER C 50 24.78 1.11 12.07
N ASN C 51 25.55 2.13 11.67
CA ASN C 51 25.62 3.42 12.38
C ASN C 51 25.98 4.47 11.35
N ILE C 52 25.00 4.83 10.53
CA ILE C 52 25.24 5.79 9.43
C ILE C 52 25.77 7.06 10.06
N ASN C 53 26.89 7.54 9.55
CA ASN C 53 27.38 8.88 9.91
C ASN C 53 27.87 9.54 8.64
N ASN C 54 27.04 10.40 8.05
CA ASN C 54 27.35 10.97 6.72
C ASN C 54 28.20 12.23 6.85
N THR C 55 28.60 12.62 8.05
CA THR C 55 29.72 13.57 8.22
C THR C 55 31.01 12.78 8.03
N THR C 56 31.16 11.63 8.68
N THR C 56 31.10 11.60 8.67
CA THR C 56 32.41 10.84 8.53
CA THR C 56 32.26 10.65 8.65
C THR C 56 32.42 10.17 7.16
C THR C 56 32.40 10.02 7.26
N ASN C 57 31.26 9.73 6.65
CA ASN C 57 31.14 8.97 5.38
C ASN C 57 30.17 9.74 4.49
N PRO C 58 30.64 10.82 3.81
CA PRO C 58 29.72 11.68 3.07
C PRO C 58 29.57 11.42 1.57
N ASN C 59 30.15 10.32 1.08
CA ASN C 59 30.15 10.03 -0.37
C ASN C 59 28.80 9.46 -0.77
N GLU C 60 28.49 9.54 -2.06
CA GLU C 60 27.21 9.03 -2.60
C GLU C 60 27.04 7.55 -2.23
N ALA C 61 28.13 6.77 -2.28
CA ALA C 61 28.10 5.32 -1.97
C ALA C 61 27.74 5.07 -0.50
N ASP C 62 27.87 6.09 0.34
CA ASP C 62 27.59 6.01 1.79
C ASP C 62 26.14 6.39 2.09
N LYS C 63 25.34 6.68 1.06
CA LYS C 63 23.97 7.19 1.22
C LYS C 63 23.00 6.31 0.46
N GLN C 64 23.37 5.05 0.18
CA GLN C 64 22.41 4.14 -0.49
C GLN C 64 22.80 2.70 -0.19
N ILE C 65 21.79 1.83 -0.28
CA ILE C 65 21.94 0.37 -0.12
C ILE C 65 21.09 -0.28 -1.21
N THR C 66 21.65 -1.26 -1.90
CA THR C 66 20.94 -2.08 -2.91
C THR C 66 20.92 -3.52 -2.44
N VAL C 67 19.73 -4.08 -2.30
CA VAL C 67 19.55 -5.51 -1.98
C VAL C 67 18.96 -6.18 -3.22
N LYS C 68 19.70 -7.11 -3.80
CA LYS C 68 19.26 -7.79 -5.02
C LYS C 68 18.90 -9.23 -4.70
N LEU C 69 17.68 -9.64 -5.08
CA LEU C 69 17.28 -11.04 -5.13
C LEU C 69 17.21 -11.47 -6.58
N LEU C 70 18.08 -12.40 -6.95
CA LEU C 70 18.22 -12.89 -8.32
C LEU C 70 17.70 -14.33 -8.34
N PHE C 71 16.87 -14.68 -9.32
CA PHE C 71 16.30 -16.03 -9.41
C PHE C 71 16.54 -16.61 -10.81
N ASP C 72 16.65 -17.92 -10.84
CA ASP C 72 16.86 -18.67 -12.10
C ASP C 72 15.48 -19.01 -12.71
N ALA C 73 15.47 -19.81 -13.78
CA ALA C 73 14.21 -20.11 -14.51
C ALA C 73 13.25 -20.92 -13.64
N ASN C 74 13.75 -21.58 -12.60
CA ASN C 74 12.91 -22.39 -11.68
C ASN C 74 12.48 -21.57 -10.47
N GLY C 75 12.78 -20.27 -10.43
CA GLY C 75 12.43 -19.40 -9.30
C GLY C 75 13.29 -19.66 -8.07
N VAL C 76 14.48 -20.25 -8.25
CA VAL C 76 15.42 -20.56 -7.14
C VAL C 76 16.36 -19.38 -6.97
N LEU C 77 16.56 -18.93 -5.71
CA LEU C 77 17.49 -17.84 -5.33
C LEU C 77 18.91 -18.18 -5.81
N LYS C 78 19.52 -17.32 -6.61
CA LYS C 78 20.92 -17.47 -7.11
C LYS C 78 21.94 -16.96 -6.10
N GLN C 79 23.13 -17.58 -6.08
N GLN C 79 23.15 -17.54 -6.08
CA GLN C 79 24.16 -17.36 -5.02
CA GLN C 79 24.16 -17.36 -4.99
C GLN C 79 24.55 -15.88 -4.94
C GLN C 79 24.73 -15.93 -4.96
N GLY C 80 24.64 -15.15 -6.05
CA GLY C 80 25.15 -13.78 -6.06
C GLY C 80 24.15 -12.79 -5.50
N SER C 81 22.96 -13.26 -5.12
CA SER C 81 21.95 -12.44 -4.41
C SER C 81 22.54 -11.84 -3.15
N THR C 82 22.07 -10.66 -2.78
CA THR C 82 22.49 -9.97 -1.54
C THR C 82 22.08 -10.82 -0.35
N MET C 83 20.86 -11.37 -0.42
CA MET C 83 20.31 -12.24 0.64
C MET C 83 20.78 -13.68 0.40
N ASP C 84 21.22 -14.33 1.48
CA ASP C 84 21.68 -15.73 1.43
C ASP C 84 20.46 -16.64 1.56
N SER C 85 20.69 -17.93 1.36
CA SER C 85 19.60 -18.95 1.37
C SER C 85 19.30 -19.47 2.77
N SER C 86 19.87 -18.93 3.83
CA SER C 86 19.71 -19.49 5.21
C SER C 86 18.24 -19.48 5.65
N TYR C 87 17.51 -18.41 5.37
CA TYR C 87 16.10 -18.20 5.76
C TYR C 87 15.32 -17.86 4.48
N TRP C 88 14.96 -18.88 3.71
CA TRP C 88 14.20 -18.63 2.46
C TRP C 88 13.45 -19.88 2.02
N ASN C 89 12.21 -19.98 2.46
CA ASN C 89 11.47 -21.24 2.31
C ASN C 89 9.98 -20.99 2.47
N TYR C 90 9.20 -21.99 2.17
CA TYR C 90 7.72 -21.90 2.28
C TYR C 90 7.38 -21.94 3.76
N ARG C 91 6.34 -21.21 4.13
CA ARG C 91 5.75 -21.28 5.49
C ARG C 91 5.18 -22.68 5.67
N SER C 92 5.48 -23.30 6.80
CA SER C 92 5.08 -24.70 7.10
C SER C 92 3.55 -24.79 6.97
N ASP C 93 3.09 -25.80 6.23
CA ASP C 93 1.65 -26.01 5.86
C ASP C 93 1.13 -27.17 6.72
N ASN C 94 0.10 -27.88 6.26
CA ASN C 94 -0.30 -29.22 6.79
C ASN C 94 0.86 -30.21 6.53
N SER C 95 1.40 -30.20 5.31
CA SER C 95 2.57 -31.01 4.87
C SER C 95 3.84 -30.16 4.87
N ASN C 96 5.01 -30.79 5.03
CA ASN C 96 6.35 -30.14 5.01
C ASN C 96 7.05 -30.48 3.70
N LEU C 97 8.08 -29.70 3.31
CA LEU C 97 8.94 -29.94 2.11
C LEU C 97 10.17 -29.03 2.18
N SER C 98 11.36 -29.59 1.94
CA SER C 98 12.69 -28.95 2.19
C SER C 98 13.27 -28.24 0.96
N GLN C 99 12.64 -28.32 -0.22
CA GLN C 99 13.13 -27.70 -1.48
C GLN C 99 12.00 -26.94 -2.20
N PRO C 100 12.32 -25.78 -2.83
CA PRO C 100 11.42 -25.13 -3.78
C PRO C 100 11.88 -25.28 -5.23
N TYR C 101 10.95 -25.54 -6.16
CA TYR C 101 11.26 -25.55 -7.62
C TYR C 101 10.08 -25.01 -8.44
N LYS C 102 9.21 -25.85 -9.01
CA LYS C 102 8.14 -25.40 -9.95
C LYS C 102 7.16 -24.46 -9.22
N LYS C 103 6.89 -24.74 -7.95
CA LYS C 103 6.04 -23.90 -7.06
C LYS C 103 6.66 -22.51 -6.92
N ALA C 104 7.98 -22.38 -7.06
CA ALA C 104 8.69 -21.10 -6.86
C ALA C 104 8.37 -20.14 -8.02
N VAL C 105 8.14 -20.64 -9.23
CA VAL C 105 7.84 -19.72 -10.36
C VAL C 105 6.54 -18.94 -10.09
N GLY C 106 5.61 -19.47 -9.30
CA GLY C 106 4.36 -18.77 -8.92
C GLY C 106 4.60 -17.55 -8.05
N PHE C 107 5.79 -17.42 -7.50
CA PHE C 107 6.17 -16.27 -6.65
C PHE C 107 6.99 -15.27 -7.45
N MET C 108 7.36 -15.57 -8.69
CA MET C 108 8.30 -14.72 -9.45
C MET C 108 7.53 -13.54 -10.05
N PRO C 109 8.17 -12.38 -10.23
CA PRO C 109 7.50 -11.30 -10.94
C PRO C 109 7.32 -11.65 -12.42
N SER C 110 6.12 -11.39 -12.92
CA SER C 110 5.70 -11.73 -14.30
C SER C 110 6.69 -11.16 -15.32
N LYS C 111 7.15 -11.97 -16.26
CA LYS C 111 7.97 -11.45 -17.40
C LYS C 111 7.10 -10.71 -18.42
N THR C 112 5.79 -10.94 -18.41
N THR C 112 5.78 -10.94 -18.43
CA THR C 112 4.83 -10.28 -19.31
CA THR C 112 4.87 -10.19 -19.34
C THR C 112 4.48 -8.89 -18.72
C THR C 112 4.52 -8.84 -18.72
N ALA C 113 4.27 -8.81 -17.41
CA ALA C 113 4.04 -7.52 -16.73
C ALA C 113 5.32 -6.69 -16.78
N TYR C 114 6.46 -7.35 -16.58
CA TYR C 114 7.76 -6.64 -16.34
C TYR C 114 8.81 -7.19 -17.31
N PRO C 115 8.66 -6.93 -18.62
CA PRO C 115 9.59 -7.50 -19.60
C PRO C 115 10.93 -6.77 -19.51
N LYS C 116 11.98 -7.47 -19.91
CA LYS C 116 13.30 -6.82 -20.14
C LYS C 116 13.16 -5.85 -21.31
N GLN C 117 13.90 -4.74 -21.24
CA GLN C 117 13.96 -3.67 -22.26
C GLN C 117 15.17 -3.91 -23.15
N THR C 118 15.04 -3.59 -24.45
CA THR C 118 16.11 -3.72 -25.47
C THR C 118 16.67 -2.32 -25.76
N LYS C 119 17.92 -2.29 -26.24
CA LYS C 119 18.79 -1.16 -26.70
C LYS C 119 18.20 0.23 -26.41
N PRO C 120 18.10 1.18 -27.37
CA PRO C 120 17.27 2.37 -27.18
C PRO C 120 15.79 1.98 -27.03
N THR C 121 15.21 2.48 -25.94
CA THR C 121 13.84 2.15 -25.49
C THR C 121 12.84 2.64 -26.53
N ASN C 122 11.72 1.92 -26.63
CA ASN C 122 10.54 2.14 -27.50
C ASN C 122 9.48 2.88 -26.65
N LYS C 123 8.97 4.00 -27.15
CA LYS C 123 8.01 4.87 -26.37
C LYS C 123 6.70 4.10 -26.14
N GLU C 124 6.45 3.02 -26.84
CA GLU C 124 5.22 2.20 -26.64
C GLU C 124 5.40 1.24 -25.47
N ILE C 125 6.58 1.13 -24.87
CA ILE C 125 6.86 0.17 -23.77
C ILE C 125 7.20 0.97 -22.52
N SER C 126 6.50 0.71 -21.42
CA SER C 126 6.69 1.46 -20.18
C SER C 126 8.11 1.25 -19.64
N GLN C 127 8.71 2.30 -19.09
CA GLN C 127 9.97 2.25 -18.30
C GLN C 127 9.66 2.21 -16.81
N ALA C 128 8.44 2.56 -16.41
CA ALA C 128 8.10 2.85 -15.01
C ALA C 128 7.33 1.68 -14.34
N LYS C 129 6.62 0.88 -15.13
CA LYS C 129 5.62 -0.01 -14.52
C LYS C 129 6.29 -1.13 -13.71
N ASN C 130 7.55 -1.42 -13.93
CA ASN C 130 8.27 -2.44 -13.14
C ASN C 130 8.92 -1.83 -11.92
N LYS C 131 8.53 -0.61 -11.56
CA LYS C 131 9.08 0.05 -10.36
C LYS C 131 7.97 0.46 -9.41
N ILE C 132 8.26 0.34 -8.13
CA ILE C 132 7.44 0.91 -7.04
C ILE C 132 8.36 1.91 -6.35
N VAL C 133 7.90 3.16 -6.23
CA VAL C 133 8.77 4.23 -5.68
C VAL C 133 8.04 4.86 -4.50
N SER C 134 8.67 4.92 -3.34
CA SER C 134 8.01 5.44 -2.14
C SER C 134 9.08 5.80 -1.12
N ASN C 135 8.68 6.01 0.12
CA ASN C 135 9.62 6.32 1.20
C ASN C 135 9.40 5.31 2.32
N VAL C 136 10.48 4.98 2.97
CA VAL C 136 10.51 4.31 4.29
C VAL C 136 11.17 5.25 5.27
N TYR C 137 11.16 4.91 6.54
CA TYR C 137 11.62 5.85 7.59
C TYR C 137 12.57 5.09 8.50
N LEU C 138 13.77 5.55 8.60
CA LEU C 138 14.80 4.83 9.38
C LEU C 138 14.46 4.96 10.85
N GLY C 139 14.53 3.85 11.56
CA GLY C 139 14.12 3.85 12.98
C GLY C 139 12.63 4.01 13.16
N GLY C 140 11.86 4.06 12.08
CA GLY C 140 10.44 4.43 12.14
C GLY C 140 10.22 5.86 12.58
N LYS C 141 11.21 6.73 12.35
CA LYS C 141 11.14 8.16 12.74
C LYS C 141 10.76 8.99 11.54
N ILE C 142 9.73 9.81 11.68
CA ILE C 142 9.20 10.56 10.51
C ILE C 142 10.30 11.51 9.97
N ASP C 143 11.19 12.01 10.83
CA ASP C 143 12.21 12.94 10.28
C ASP C 143 13.43 12.19 9.74
N GLN C 144 13.34 10.89 9.51
CA GLN C 144 14.44 10.13 8.88
C GLN C 144 13.98 9.42 7.62
N PRO C 145 13.48 10.15 6.61
CA PRO C 145 13.05 9.52 5.38
C PRO C 145 14.19 8.90 4.59
N CYS C 146 13.82 7.90 3.83
CA CYS C 146 14.71 7.19 2.88
C CYS C 146 13.88 6.75 1.70
N VAL C 147 14.28 7.06 0.49
CA VAL C 147 13.52 6.59 -0.68
C VAL C 147 13.73 5.09 -0.83
N ILE C 148 12.65 4.39 -1.17
CA ILE C 148 12.75 2.97 -1.61
C ILE C 148 12.27 2.89 -3.05
N ILE C 149 13.05 2.20 -3.87
CA ILE C 149 12.60 1.83 -5.24
C ILE C 149 12.70 0.33 -5.33
N ILE C 150 11.57 -0.33 -5.55
CA ILE C 150 11.54 -1.78 -5.81
C ILE C 150 11.48 -1.94 -7.33
N SER C 151 12.39 -2.71 -7.91
CA SER C 151 12.43 -2.95 -9.37
C SER C 151 12.27 -4.43 -9.64
N PHE C 152 11.45 -4.77 -10.62
CA PHE C 152 11.19 -6.17 -10.99
C PHE C 152 11.85 -6.49 -12.33
N ASN C 153 12.60 -7.58 -12.33
CA ASN C 153 13.10 -8.26 -13.55
C ASN C 153 14.02 -7.36 -14.36
N GLU C 154 14.72 -6.43 -13.74
CA GLU C 154 15.58 -5.50 -14.50
C GLU C 154 17.04 -5.98 -14.47
N GLU C 155 17.37 -7.03 -13.71
CA GLU C 155 18.78 -7.55 -13.67
C GLU C 155 19.05 -8.42 -14.90
N ALA C 156 19.99 -7.99 -15.73
CA ALA C 156 20.20 -8.55 -17.08
C ALA C 156 20.48 -10.06 -17.03
N ASP C 157 21.25 -10.53 -16.05
CA ASP C 157 21.82 -11.91 -16.16
C ASP C 157 20.98 -12.92 -15.37
N SER C 158 19.75 -12.57 -14.96
CA SER C 158 18.86 -13.50 -14.21
C SER C 158 17.50 -13.56 -14.89
N ASP C 159 16.83 -14.68 -14.74
CA ASP C 159 15.49 -14.90 -15.32
C ASP C 159 14.48 -14.01 -14.60
N TYR C 160 14.64 -13.85 -13.29
CA TYR C 160 13.75 -12.98 -12.50
C TYR C 160 14.59 -12.23 -11.48
N SER C 161 14.10 -11.08 -11.07
CA SER C 161 14.80 -10.36 -9.99
C SER C 161 13.81 -9.48 -9.25
N ILE C 162 14.11 -9.30 -7.96
CA ILE C 162 13.44 -8.28 -7.11
C ILE C 162 14.58 -7.50 -6.49
N VAL C 163 14.64 -6.21 -6.77
CA VAL C 163 15.74 -5.38 -6.23
C VAL C 163 15.12 -4.29 -5.37
N PHE C 164 15.62 -4.16 -4.13
CA PHE C 164 15.23 -3.09 -3.21
C PHE C 164 16.36 -2.09 -3.12
N TYR C 165 16.11 -0.89 -3.62
CA TYR C 165 17.06 0.22 -3.62
C TYR C 165 16.65 1.23 -2.58
N PHE C 166 17.52 1.48 -1.62
CA PHE C 166 17.28 2.46 -0.54
C PHE C 166 18.27 3.59 -0.71
N LYS C 167 17.79 4.83 -0.74
CA LYS C 167 18.71 5.97 -0.92
C LYS C 167 18.16 7.15 -0.12
N TRP C 168 19.05 7.79 0.64
CA TRP C 168 18.63 8.93 1.46
C TRP C 168 19.39 10.17 1.07
N TYR C 169 18.79 11.30 1.39
CA TYR C 169 19.26 12.64 0.96
C TYR C 169 19.77 13.43 2.16
N LYS C 170 19.18 13.21 3.31
CA LYS C 170 19.61 13.91 4.55
C LYS C 170 20.97 13.38 4.99
N THR C 171 21.72 14.14 5.76
N THR C 171 21.66 14.17 5.78
CA THR C 171 23.02 13.66 6.31
CA THR C 171 22.94 13.81 6.42
C THR C 171 22.79 13.16 7.73
C THR C 171 22.52 13.18 7.74
N TYR C 172 22.62 11.85 7.85
CA TYR C 172 22.31 11.18 9.14
C TYR C 172 23.57 11.07 9.97
N GLU C 173 23.42 11.33 11.26
CA GLU C 173 24.52 11.27 12.24
C GLU C 173 24.22 10.20 13.30
N ASN C 174 24.89 9.06 13.22
CA ASN C 174 24.73 7.94 14.18
C ASN C 174 23.31 7.40 14.12
N VAL C 175 22.88 7.03 12.92
CA VAL C 175 21.54 6.47 12.66
C VAL C 175 21.76 5.07 12.10
N GLN C 176 21.29 4.05 12.80
CA GLN C 176 21.35 2.68 12.24
C GLN C 176 20.43 2.58 11.05
N PHE C 177 20.87 1.96 9.96
CA PHE C 177 19.93 1.63 8.87
C PHE C 177 18.96 0.56 9.38
N ASP C 178 17.72 0.98 9.54
CA ASP C 178 16.66 0.15 10.15
C ASP C 178 15.36 0.62 9.52
N SER C 179 14.93 -0.01 8.44
CA SER C 179 13.80 0.58 7.67
C SER C 179 12.46 0.18 8.27
N SER C 180 11.53 1.13 8.32
CA SER C 180 10.12 0.85 8.67
C SER C 180 9.56 -0.15 7.68
N SER C 181 8.56 -0.90 8.12
CA SER C 181 7.99 -1.97 7.25
C SER C 181 7.35 -1.34 6.02
N PHE C 182 7.57 -1.96 4.87
CA PHE C 182 7.06 -1.45 3.59
C PHE C 182 6.27 -2.58 2.93
N ASN C 183 5.02 -2.28 2.60
N ASN C 183 5.01 -2.32 2.61
CA ASN C 183 4.08 -3.21 1.95
CA ASN C 183 4.19 -3.33 1.92
C ASN C 183 4.05 -2.93 0.45
C ASN C 183 3.92 -2.94 0.47
N PHE C 184 3.90 -3.96 -0.37
CA PHE C 184 3.89 -3.78 -1.84
C PHE C 184 3.25 -5.01 -2.43
N SER C 185 3.01 -4.94 -3.73
CA SER C 185 2.48 -6.09 -4.48
C SER C 185 3.02 -6.06 -5.89
N TYR C 186 2.95 -7.20 -6.52
CA TYR C 186 3.33 -7.30 -7.95
C TYR C 186 2.58 -8.42 -8.61
N ILE C 187 2.61 -8.42 -9.94
CA ILE C 187 1.92 -9.45 -10.73
C ILE C 187 2.80 -10.69 -10.81
N ALA C 188 2.23 -11.84 -10.46
CA ALA C 188 2.94 -13.13 -10.45
C ALA C 188 3.13 -13.68 -11.86
N GLN C 189 4.24 -14.39 -12.09
CA GLN C 189 4.51 -15.07 -13.39
C GLN C 189 3.41 -16.08 -13.73
N GLU C 190 2.86 -16.75 -12.71
CA GLU C 190 1.70 -17.65 -12.97
C GLU C 190 0.93 -17.95 -11.69
#